data_5TYK
#
_entry.id   5TYK
#
_cell.length_a   47.799
_cell.length_b   100.792
_cell.length_c   221.818
_cell.angle_alpha   90.00
_cell.angle_beta   90.00
_cell.angle_gamma   90.00
#
_symmetry.space_group_name_H-M   'C 2 2 21'
#
loop_
_entity.id
_entity.type
_entity.pdbx_description
1 polymer 'Carboxylic ester hydrolase'
2 non-polymer '{3-chloro-4-[(2-fluorophenyl)methoxy]phenyl}borinic acid'
3 water water
#
_entity_poly.entity_id   1
_entity_poly.type   'polypeptide(L)'
_entity_poly.pdbx_seq_one_letter_code
;MHHHHHHMNFNVSLMEKLKWKIKCIENKFLNYRLTTNETVVAETEYGKVKGVKRLTVYDDSYYSFEGIPYAQPPVGELRF
KAPQRPTPWAGVRDCCNHKDKSVQVDFITGKVCGSEDCLYLSVYTNNLNPETKRPVLVYIHGGGFIIGENHRDMYGPDYF
IKKDVVLINIQYRLGALGFLSLNSEDLNVPGNAGLKDQVMALRWIKNNCANFGGNPDNITVFGESAGAASTHYMMLTEQT
RGLFHRGILMSGNAICPWANTQCQHRAFTLAKLAGYKGEDNDKDVLEFLMKAKPQDLIKLEEKVLTLEERTNKVMFPFGP
TVEPYQTADCVLPKHPREMVKTAWGNSIPTMMGNTSYEGLFFTSILKQMPLLVKELETCVNFVPSELADAERTAPETLEM
GAKIKKAHVTGETPTADNFMDLCSHFYFWFPMHRLLQLRFNHTSGTPVYLYRFDFDSEDLINPYRIMRSGRGVKGVSHTD
ELTYFFWNQLAKRMPKESREYKTIERMTGIWTQFATTGNPYSNEIEGMENVSWDPIEKSDEVYKCLNISDELKMIDVPEM
GKIKQWESMFEKHRDLF
;
_entity_poly.pdbx_strand_id   A
#
# COMPACT_ATOMS: atom_id res chain seq x y z
N VAL A 12 -20.47 -5.37 -10.82
CA VAL A 12 -21.04 -4.05 -11.10
C VAL A 12 -22.57 -4.14 -10.91
N SER A 13 -23.03 -3.79 -9.71
CA SER A 13 -24.46 -3.74 -9.41
C SER A 13 -24.89 -2.29 -9.18
N LEU A 14 -25.07 -1.62 -10.31
CA LEU A 14 -25.38 -0.19 -10.44
C LEU A 14 -25.50 0.72 -9.23
N MET A 15 -26.34 0.48 -8.22
CA MET A 15 -26.52 1.63 -7.37
C MET A 15 -26.00 1.44 -5.96
N GLU A 16 -24.84 0.77 -5.92
CA GLU A 16 -23.77 1.16 -5.02
C GLU A 16 -23.55 2.66 -5.29
N LYS A 17 -23.45 3.02 -6.58
CA LYS A 17 -23.20 4.38 -7.05
C LYS A 17 -24.18 5.42 -6.50
N LEU A 18 -25.39 5.00 -6.12
CA LEU A 18 -26.34 5.96 -5.53
C LEU A 18 -26.03 6.40 -4.12
N LYS A 19 -26.15 5.49 -3.17
CA LYS A 19 -25.89 5.85 -1.79
C LYS A 19 -24.46 6.36 -1.70
N TRP A 20 -23.56 5.74 -2.46
CA TRP A 20 -22.19 6.22 -2.61
C TRP A 20 -22.15 7.67 -3.15
N LYS A 21 -23.09 8.03 -4.03
CA LYS A 21 -23.24 9.44 -4.44
C LYS A 21 -23.86 10.28 -3.33
N ILE A 22 -24.83 9.70 -2.62
CA ILE A 22 -25.52 10.40 -1.54
C ILE A 22 -24.82 10.24 -0.16
N LYS A 23 -23.85 9.34 -0.05
CA LYS A 23 -22.92 9.41 1.08
C LYS A 23 -21.90 10.47 0.74
N CYS A 24 -21.81 10.78 -0.55
CA CYS A 24 -20.88 11.78 -1.03
C CYS A 24 -21.49 13.18 -1.05
N ILE A 25 -22.82 13.26 -1.09
CA ILE A 25 -23.43 14.58 -0.97
C ILE A 25 -23.39 14.96 0.50
N GLU A 26 -23.43 13.96 1.37
CA GLU A 26 -23.34 14.20 2.80
C GLU A 26 -21.92 14.58 3.21
N ASN A 27 -20.93 13.84 2.71
CA ASN A 27 -19.55 14.04 3.11
C ASN A 27 -19.08 15.47 2.86
N LYS A 28 -19.69 16.15 1.89
CA LYS A 28 -19.30 17.53 1.59
C LYS A 28 -19.92 18.53 2.57
N PHE A 29 -21.18 18.30 2.95
CA PHE A 29 -21.81 19.12 3.99
C PHE A 29 -21.09 18.93 5.31
N LEU A 30 -20.82 17.67 5.64
CA LEU A 30 -20.10 17.37 6.87
C LEU A 30 -18.70 17.97 6.85
N ASN A 31 -18.01 17.84 5.72
CA ASN A 31 -16.69 18.44 5.57
C ASN A 31 -16.72 19.95 5.81
N TYR A 32 -17.76 20.59 5.30
CA TYR A 32 -17.93 22.03 5.48
C TYR A 32 -18.16 22.37 6.95
N ARG A 33 -19.03 21.60 7.59
CA ARG A 33 -19.37 21.81 8.99
C ARG A 33 -18.17 21.57 9.90
N LEU A 34 -17.28 20.69 9.47
CA LEU A 34 -16.12 20.37 10.28
C LEU A 34 -14.92 21.25 9.92
N THR A 35 -15.15 22.24 9.05
CA THR A 35 -14.12 23.22 8.75
C THR A 35 -14.24 24.39 9.73
N THR A 36 -13.13 25.09 9.96
CA THR A 36 -13.13 26.25 10.83
C THR A 36 -12.67 27.48 10.04
N ASN A 37 -12.67 28.63 10.72
CA ASN A 37 -12.17 29.86 10.12
C ASN A 37 -10.73 30.15 10.55
N GLU A 38 -10.14 29.21 11.28
CA GLU A 38 -8.78 29.42 11.75
C GLU A 38 -7.81 28.97 10.67
N THR A 39 -7.40 29.91 9.84
CA THR A 39 -6.39 29.65 8.84
C THR A 39 -5.02 29.98 9.40
N VAL A 40 -3.99 29.35 8.86
CA VAL A 40 -2.66 29.55 9.35
C VAL A 40 -1.67 29.43 8.19
N VAL A 41 -0.51 30.07 8.31
CA VAL A 41 0.50 29.98 7.25
C VAL A 41 1.79 29.34 7.77
N ALA A 42 2.30 28.36 7.02
CA ALA A 42 3.57 27.75 7.36
C ALA A 42 4.57 27.94 6.24
N GLU A 43 5.86 27.88 6.58
CA GLU A 43 6.91 28.01 5.58
C GLU A 43 7.27 26.67 4.94
N THR A 44 7.54 26.68 3.63
CA THR A 44 8.18 25.53 2.99
C THR A 44 9.33 26.01 2.12
N GLU A 45 10.18 25.08 1.69
CA GLU A 45 11.32 25.46 0.87
C GLU A 45 10.90 25.98 -0.52
N TYR A 46 9.62 25.84 -0.86
CA TYR A 46 9.14 26.38 -2.13
C TYR A 46 8.19 27.58 -1.96
N GLY A 47 7.95 27.99 -0.72
CA GLY A 47 7.06 29.10 -0.47
C GLY A 47 6.08 28.84 0.67
N LYS A 48 5.33 29.87 1.03
CA LYS A 48 4.35 29.77 2.11
C LYS A 48 3.09 29.00 1.69
N VAL A 49 2.58 28.19 2.62
CA VAL A 49 1.32 27.52 2.41
C VAL A 49 0.33 27.91 3.49
N LYS A 50 -0.92 28.12 3.10
CA LYS A 50 -2.00 28.44 4.03
C LYS A 50 -2.84 27.22 4.29
N GLY A 51 -2.87 26.79 5.54
CA GLY A 51 -3.69 25.66 5.95
C GLY A 51 -4.85 26.12 6.82
N VAL A 52 -5.59 25.17 7.36
CA VAL A 52 -6.78 25.51 8.14
C VAL A 52 -7.07 24.44 9.19
N LYS A 53 -7.61 24.85 10.33
CA LYS A 53 -7.98 23.86 11.34
C LYS A 53 -9.31 23.22 10.98
N ARG A 54 -9.40 21.92 11.23
CA ARG A 54 -10.62 21.16 10.99
C ARG A 54 -11.00 20.43 12.27
N LEU A 55 -12.27 20.03 12.35
CA LEU A 55 -12.80 19.32 13.52
C LEU A 55 -13.05 17.84 13.25
N THR A 56 -13.13 17.05 14.30
CA THR A 56 -13.46 15.64 14.13
C THR A 56 -14.77 15.32 14.83
N VAL A 57 -15.35 14.16 14.55
CA VAL A 57 -16.61 13.82 15.18
C VAL A 57 -16.39 13.42 16.64
N TYR A 58 -15.13 13.28 17.05
CA TYR A 58 -14.83 13.02 18.45
C TYR A 58 -14.52 14.31 19.21
N ASP A 59 -14.85 15.44 18.59
CA ASP A 59 -14.68 16.75 19.21
C ASP A 59 -13.22 17.10 19.42
N ASP A 60 -12.36 16.54 18.58
CA ASP A 60 -10.96 16.96 18.51
C ASP A 60 -10.78 17.93 17.35
N SER A 61 -9.57 18.46 17.22
CA SER A 61 -9.24 19.34 16.12
C SER A 61 -7.79 19.18 15.69
N TYR A 62 -7.51 19.58 14.46
CA TYR A 62 -6.18 19.48 13.91
C TYR A 62 -5.98 20.52 12.82
N TYR A 63 -4.73 20.92 12.60
CA TYR A 63 -4.37 21.80 11.47
C TYR A 63 -4.20 20.97 10.20
N SER A 64 -4.73 21.47 9.10
CA SER A 64 -4.78 20.73 7.86
C SER A 64 -4.13 21.51 6.73
N PHE A 65 -3.11 20.93 6.14
CA PHE A 65 -2.49 21.45 4.90
C PHE A 65 -2.66 20.39 3.81
N GLU A 66 -3.50 20.66 2.81
CA GLU A 66 -3.69 19.70 1.72
C GLU A 66 -3.34 20.33 0.38
N GLY A 67 -2.95 19.50 -0.59
CA GLY A 67 -2.49 20.02 -1.87
C GLY A 67 -1.14 20.71 -1.85
N ILE A 68 -0.24 20.25 -0.99
CA ILE A 68 1.14 20.73 -1.06
C ILE A 68 1.83 20.02 -2.22
N PRO A 69 2.23 20.76 -3.26
CA PRO A 69 2.92 20.08 -4.37
C PRO A 69 4.35 19.69 -4.00
N TYR A 70 4.75 18.46 -4.35
CA TYR A 70 6.13 18.06 -4.07
C TYR A 70 6.87 17.82 -5.38
N ALA A 71 6.18 18.01 -6.50
CA ALA A 71 6.78 17.86 -7.82
C ALA A 71 5.95 18.68 -8.82
N GLN A 72 6.50 18.90 -10.02
CA GLN A 72 5.74 19.47 -11.13
C GLN A 72 4.59 18.55 -11.50
N PRO A 73 3.42 19.11 -11.84
CA PRO A 73 2.37 18.28 -12.44
C PRO A 73 2.94 17.49 -13.61
N PRO A 74 2.88 16.16 -13.54
CA PRO A 74 3.55 15.33 -14.54
C PRO A 74 2.68 15.21 -15.79
N VAL A 75 2.37 16.35 -16.40
CA VAL A 75 1.49 16.37 -17.57
C VAL A 75 2.29 16.68 -18.84
N GLY A 76 1.64 16.55 -19.99
CA GLY A 76 2.28 16.76 -21.27
C GLY A 76 3.51 15.89 -21.48
N GLU A 77 4.62 16.55 -21.79
CA GLU A 77 5.89 15.87 -22.01
C GLU A 77 6.45 15.17 -20.78
N LEU A 78 5.92 15.53 -19.61
CA LEU A 78 6.35 14.89 -18.38
C LEU A 78 5.60 13.59 -18.10
N ARG A 79 4.57 13.29 -18.89
CA ARG A 79 3.85 12.02 -18.71
C ARG A 79 4.82 10.84 -18.87
N PHE A 80 4.71 9.88 -17.95
CA PHE A 80 5.54 8.67 -17.89
C PHE A 80 6.99 8.93 -17.47
N LYS A 81 7.35 10.19 -17.22
CA LYS A 81 8.72 10.55 -16.86
C LYS A 81 8.89 10.68 -15.35
N ALA A 82 10.13 10.51 -14.90
CA ALA A 82 10.48 10.77 -13.51
C ALA A 82 10.00 12.16 -13.11
N PRO A 83 9.57 12.32 -11.84
CA PRO A 83 9.13 13.64 -11.38
C PRO A 83 10.28 14.64 -11.33
N GLN A 84 9.92 15.90 -11.54
CA GLN A 84 10.85 17.02 -11.41
C GLN A 84 10.36 17.90 -10.30
N ARG A 85 11.30 18.64 -9.68
CA ARG A 85 10.99 19.49 -8.54
C ARG A 85 9.97 20.54 -8.95
N PRO A 86 9.08 20.93 -8.01
CA PRO A 86 8.03 21.88 -8.38
C PRO A 86 8.58 23.28 -8.53
N THR A 87 7.78 24.17 -9.10
CA THR A 87 8.20 25.56 -9.27
C THR A 87 7.62 26.37 -8.11
N PRO A 88 8.51 27.06 -7.39
CA PRO A 88 8.11 27.77 -6.18
C PRO A 88 7.39 29.05 -6.49
N TRP A 89 6.96 29.73 -5.44
CA TRP A 89 6.08 30.89 -5.54
C TRP A 89 6.43 31.89 -4.45
N ALA A 90 6.22 33.17 -4.72
CA ALA A 90 6.21 34.17 -3.68
C ALA A 90 4.75 34.28 -3.27
N GLY A 91 4.46 34.90 -2.15
CA GLY A 91 3.09 34.95 -1.69
C GLY A 91 2.70 33.66 -1.00
N VAL A 92 1.41 33.45 -0.84
CA VAL A 92 0.88 32.34 -0.06
C VAL A 92 0.01 31.42 -0.90
N ARG A 93 0.43 30.16 -1.01
CA ARG A 93 -0.33 29.15 -1.74
C ARG A 93 -1.50 28.62 -0.91
N ASP A 94 -2.65 28.45 -1.55
CA ASP A 94 -3.84 27.94 -0.86
C ASP A 94 -3.76 26.43 -0.68
N CYS A 95 -3.71 25.97 0.56
CA CYS A 95 -3.73 24.55 0.89
C CYS A 95 -4.89 24.22 1.84
N CYS A 96 -6.01 24.91 1.65
CA CYS A 96 -7.19 24.70 2.49
C CYS A 96 -8.20 23.77 1.84
N ASN A 97 -7.81 23.19 0.71
CA ASN A 97 -8.65 22.22 0.00
C ASN A 97 -7.78 21.15 -0.63
N HIS A 98 -8.30 19.93 -0.71
CA HIS A 98 -7.52 18.86 -1.31
C HIS A 98 -7.43 19.04 -2.84
N LYS A 99 -6.49 18.34 -3.44
CA LYS A 99 -6.35 18.31 -4.90
C LYS A 99 -7.03 17.05 -5.43
N ASP A 100 -6.88 16.74 -6.71
CA ASP A 100 -7.54 15.55 -7.20
C ASP A 100 -6.66 14.32 -6.96
N LYS A 101 -7.27 13.15 -7.02
CA LYS A 101 -6.52 11.90 -6.93
C LYS A 101 -5.95 11.60 -8.32
N SER A 102 -4.99 10.68 -8.36
CA SER A 102 -4.41 10.22 -9.61
C SER A 102 -5.48 9.55 -10.48
N VAL A 103 -5.32 9.60 -11.81
CA VAL A 103 -6.33 9.02 -12.70
C VAL A 103 -6.50 7.53 -12.42
N GLN A 104 -7.76 7.12 -12.23
CA GLN A 104 -8.08 5.76 -11.84
C GLN A 104 -9.52 5.42 -12.11
N VAL A 105 -9.82 4.13 -12.11
CA VAL A 105 -11.19 3.65 -12.17
C VAL A 105 -11.79 3.65 -10.77
N ASP A 106 -12.88 4.38 -10.58
CA ASP A 106 -13.56 4.34 -9.29
C ASP A 106 -14.09 2.93 -9.07
N PHE A 107 -13.65 2.29 -8.00
CA PHE A 107 -14.01 0.89 -7.76
C PHE A 107 -15.50 0.72 -7.49
N ILE A 108 -16.18 1.81 -7.16
CA ILE A 108 -17.61 1.75 -6.88
C ILE A 108 -18.44 2.22 -8.06
N THR A 109 -18.14 3.40 -8.59
CA THR A 109 -18.91 3.95 -9.70
C THR A 109 -18.51 3.33 -11.05
N GLY A 110 -17.41 2.60 -11.08
CA GLY A 110 -16.96 1.99 -12.32
C GLY A 110 -16.44 2.97 -13.35
N LYS A 111 -16.60 4.26 -13.08
CA LYS A 111 -16.17 5.31 -14.00
C LYS A 111 -14.81 5.87 -13.61
N VAL A 112 -14.04 6.27 -14.62
CA VAL A 112 -12.75 6.89 -14.39
C VAL A 112 -12.90 8.26 -13.73
N CYS A 113 -12.06 8.50 -12.73
CA CYS A 113 -12.02 9.79 -12.06
C CYS A 113 -10.59 10.21 -11.83
N GLY A 114 -10.40 11.42 -11.31
CA GLY A 114 -9.06 11.88 -11.00
C GLY A 114 -8.44 12.76 -12.08
N SER A 115 -7.17 13.07 -11.89
CA SER A 115 -6.49 14.02 -12.75
C SER A 115 -5.03 13.60 -12.88
N GLU A 116 -4.39 13.97 -13.97
CA GLU A 116 -2.96 13.72 -14.08
C GLU A 116 -2.20 14.60 -13.10
N ASP A 117 -2.85 15.69 -12.69
CA ASP A 117 -2.29 16.66 -11.75
C ASP A 117 -2.59 16.20 -10.34
N CYS A 118 -1.73 15.33 -9.81
CA CYS A 118 -2.04 14.59 -8.58
C CYS A 118 -0.86 14.50 -7.61
N LEU A 119 0.28 15.09 -7.96
CA LEU A 119 1.47 14.90 -7.16
C LEU A 119 1.49 15.88 -5.99
N TYR A 120 0.69 15.54 -4.98
CA TYR A 120 0.54 16.36 -3.79
C TYR A 120 0.68 15.55 -2.51
N LEU A 121 0.98 16.24 -1.41
CA LEU A 121 0.87 15.61 -0.10
C LEU A 121 0.10 16.50 0.89
N SER A 122 -0.31 15.90 1.99
CA SER A 122 -1.10 16.61 2.99
C SER A 122 -0.42 16.45 4.32
N VAL A 123 -0.44 17.50 5.13
CA VAL A 123 0.21 17.51 6.42
C VAL A 123 -0.81 17.82 7.50
N TYR A 124 -0.84 17.00 8.55
CA TYR A 124 -1.77 17.17 9.67
C TYR A 124 -1.09 17.17 11.03
N THR A 125 -1.52 18.04 11.93
CA THR A 125 -0.98 18.03 13.31
C THR A 125 -1.95 18.79 14.22
N ASN A 126 -2.02 18.38 15.49
CA ASN A 126 -2.96 19.00 16.43
C ASN A 126 -2.36 20.25 17.05
N ASN A 127 -1.09 20.48 16.75
CA ASN A 127 -0.35 21.58 17.34
C ASN A 127 0.76 22.04 16.41
N LEU A 128 0.57 23.19 15.79
CA LEU A 128 1.49 23.66 14.78
C LEU A 128 2.79 24.13 15.40
N ASN A 129 2.70 24.61 16.64
CA ASN A 129 3.87 25.05 17.38
C ASN A 129 4.06 24.26 18.67
N PRO A 130 4.45 22.98 18.52
CA PRO A 130 4.66 22.13 19.69
C PRO A 130 5.88 22.59 20.47
N GLU A 131 6.00 22.15 21.71
CA GLU A 131 7.12 22.59 22.53
C GLU A 131 8.28 21.63 22.38
N THR A 132 8.03 20.52 21.68
CA THR A 132 9.08 19.58 21.34
C THR A 132 8.92 19.12 19.90
N LYS A 133 10.04 18.79 19.26
CA LYS A 133 10.03 18.18 17.93
C LYS A 133 9.24 16.87 17.97
N ARG A 134 8.31 16.68 17.04
CA ARG A 134 7.42 15.51 17.09
C ARG A 134 7.80 14.40 16.13
N PRO A 135 7.51 13.14 16.48
CA PRO A 135 7.67 12.10 15.46
C PRO A 135 6.82 12.41 14.24
N VAL A 136 7.35 12.11 13.06
CA VAL A 136 6.64 12.28 11.80
C VAL A 136 6.25 10.94 11.21
N LEU A 137 4.97 10.74 10.94
CA LEU A 137 4.49 9.51 10.31
C LEU A 137 4.04 9.81 8.91
N VAL A 138 4.56 9.05 7.96
CA VAL A 138 4.25 9.23 6.55
C VAL A 138 3.48 8.05 6.03
N TYR A 139 2.25 8.27 5.59
CA TYR A 139 1.44 7.13 5.15
C TYR A 139 1.41 7.05 3.64
N ILE A 140 1.77 5.88 3.10
CA ILE A 140 1.62 5.62 1.67
C ILE A 140 0.44 4.67 1.46
N HIS A 141 -0.58 5.13 0.72
CA HIS A 141 -1.81 4.33 0.55
C HIS A 141 -1.62 3.13 -0.38
N GLY A 142 -2.44 2.12 -0.15
CA GLY A 142 -2.51 0.97 -1.05
C GLY A 142 -3.56 1.16 -2.14
N GLY A 143 -3.89 0.05 -2.80
CA GLY A 143 -4.76 0.11 -3.96
C GLY A 143 -4.12 -0.53 -5.18
N GLY A 144 -3.22 -1.49 -4.95
CA GLY A 144 -2.62 -2.28 -6.04
C GLY A 144 -1.82 -1.47 -7.05
N PHE A 145 -1.41 -0.26 -6.65
CA PHE A 145 -0.74 0.71 -7.54
C PHE A 145 -1.68 1.20 -8.65
N ILE A 146 -2.98 0.92 -8.52
CA ILE A 146 -3.92 1.40 -9.56
C ILE A 146 -5.05 2.26 -9.02
N ILE A 147 -5.34 2.21 -7.73
CA ILE A 147 -6.32 3.12 -7.13
C ILE A 147 -5.81 3.71 -5.82
N GLY A 148 -6.56 4.65 -5.27
CA GLY A 148 -6.19 5.21 -3.97
C GLY A 148 -5.96 6.70 -4.02
N GLU A 149 -5.82 7.31 -2.84
CA GLU A 149 -5.78 8.76 -2.74
C GLU A 149 -5.37 9.17 -1.34
N ASN A 150 -5.15 10.46 -1.13
CA ASN A 150 -4.92 10.97 0.22
C ASN A 150 -6.11 11.84 0.66
N HIS A 151 -7.25 11.68 0.00
CA HIS A 151 -8.47 12.39 0.40
C HIS A 151 -8.96 11.90 1.76
N ARG A 152 -9.52 12.81 2.55
CA ARG A 152 -9.87 12.48 3.93
C ARG A 152 -11.20 11.72 4.02
N ASP A 153 -11.89 11.52 2.90
CA ASP A 153 -13.07 10.67 2.88
C ASP A 153 -12.67 9.19 2.95
N MET A 154 -11.41 8.91 2.66
CA MET A 154 -10.89 7.55 2.85
C MET A 154 -9.78 7.46 3.89
N TYR A 155 -8.97 8.51 4.00
CA TYR A 155 -7.82 8.46 4.89
C TYR A 155 -7.75 9.70 5.77
N GLY A 156 -8.78 9.88 6.58
CA GLY A 156 -8.82 11.02 7.48
C GLY A 156 -7.87 10.84 8.65
N PRO A 157 -7.17 11.92 9.03
CA PRO A 157 -6.18 11.89 10.11
C PRO A 157 -6.79 11.95 11.51
N ASP A 158 -8.12 11.92 11.59
CA ASP A 158 -8.85 12.28 12.80
C ASP A 158 -8.52 11.44 14.03
N TYR A 159 -8.12 10.19 13.84
CA TYR A 159 -7.72 9.38 14.99
C TYR A 159 -6.28 9.65 15.39
N PHE A 160 -5.39 9.74 14.40
CA PHE A 160 -3.97 9.91 14.71
C PHE A 160 -3.69 11.27 15.37
N ILE A 161 -4.50 12.28 15.07
CA ILE A 161 -4.20 13.61 15.61
C ILE A 161 -4.60 13.72 17.10
N LYS A 162 -5.16 12.66 17.67
CA LYS A 162 -5.29 12.56 19.12
C LYS A 162 -3.92 12.41 19.79
N LYS A 163 -2.95 11.90 19.05
CA LYS A 163 -1.57 11.76 19.50
C LYS A 163 -0.71 12.93 19.06
N ASP A 164 0.40 13.17 19.76
CA ASP A 164 1.24 14.32 19.45
C ASP A 164 2.27 13.99 18.38
N VAL A 165 1.78 13.79 17.16
CA VAL A 165 2.59 13.45 16.02
C VAL A 165 2.25 14.37 14.87
N VAL A 166 3.08 14.32 13.83
CA VAL A 166 2.78 14.93 12.55
C VAL A 166 2.50 13.79 11.57
N LEU A 167 1.34 13.84 10.94
CA LEU A 167 0.92 12.80 9.98
C LEU A 167 0.87 13.39 8.58
N ILE A 168 1.50 12.70 7.64
CA ILE A 168 1.55 13.16 6.25
C ILE A 168 1.10 12.03 5.33
N ASN A 169 0.14 12.36 4.46
CA ASN A 169 -0.43 11.40 3.52
C ASN A 169 -0.05 11.81 2.12
N ILE A 170 0.68 10.97 1.42
CA ILE A 170 1.13 11.33 0.09
C ILE A 170 0.24 10.73 -1.02
N GLN A 171 0.27 11.35 -2.19
CA GLN A 171 -0.20 10.69 -3.41
C GLN A 171 0.99 10.43 -4.30
N TYR A 172 0.76 9.66 -5.35
CA TYR A 172 1.79 9.22 -6.29
C TYR A 172 1.06 8.66 -7.52
N ARG A 173 1.69 8.69 -8.69
CA ARG A 173 1.01 8.26 -9.90
C ARG A 173 0.66 6.77 -9.93
N LEU A 174 -0.52 6.47 -10.44
CA LEU A 174 -1.04 5.11 -10.47
C LEU A 174 -1.19 4.58 -11.88
N GLY A 175 -1.32 3.26 -12.00
CA GLY A 175 -1.59 2.62 -13.28
C GLY A 175 -0.53 2.84 -14.35
N ALA A 176 -0.97 2.86 -15.60
CA ALA A 176 -0.04 3.04 -16.71
C ALA A 176 0.69 4.38 -16.61
N LEU A 177 0.00 5.41 -16.11
CA LEU A 177 0.61 6.74 -15.98
C LEU A 177 1.75 6.73 -14.96
N GLY A 178 1.67 5.84 -13.98
CA GLY A 178 2.73 5.72 -13.00
C GLY A 178 3.78 4.66 -13.28
N PHE A 179 3.44 3.68 -14.10
CA PHE A 179 4.29 2.51 -14.20
C PHE A 179 4.52 1.94 -15.61
N LEU A 180 4.24 2.73 -16.64
CA LEU A 180 4.69 2.37 -17.98
C LEU A 180 6.22 2.19 -17.99
N SER A 181 6.71 1.20 -18.72
CA SER A 181 8.15 0.95 -18.83
C SER A 181 8.47 0.60 -20.28
N LEU A 182 9.46 1.28 -20.84
CA LEU A 182 9.91 0.98 -22.21
C LEU A 182 11.40 0.63 -22.23
N ASN A 183 11.75 -0.37 -23.03
CA ASN A 183 13.12 -0.83 -23.09
C ASN A 183 14.08 0.19 -23.70
N SER A 184 13.58 0.99 -24.64
CA SER A 184 14.41 1.90 -25.42
C SER A 184 15.07 2.99 -24.56
N GLU A 185 16.39 2.92 -24.41
CA GLU A 185 17.09 3.85 -23.54
C GLU A 185 16.90 5.32 -23.97
N ASP A 186 16.73 5.55 -25.27
CA ASP A 186 16.56 6.89 -25.80
C ASP A 186 15.28 7.59 -25.33
N LEU A 187 14.31 6.84 -24.82
CA LEU A 187 13.00 7.42 -24.53
C LEU A 187 12.82 7.92 -23.09
N ASN A 188 13.69 7.47 -22.19
CA ASN A 188 13.64 7.93 -20.80
C ASN A 188 12.33 7.60 -20.10
N VAL A 189 11.78 6.42 -20.41
CA VAL A 189 10.66 5.85 -19.68
C VAL A 189 11.08 4.48 -19.16
N PRO A 190 12.04 4.46 -18.21
CA PRO A 190 12.52 3.16 -17.73
C PRO A 190 11.51 2.44 -16.83
N GLY A 191 10.51 3.16 -16.32
CA GLY A 191 9.54 2.57 -15.42
C GLY A 191 9.57 3.21 -14.04
N ASN A 192 8.63 2.78 -13.20
CA ASN A 192 8.54 3.16 -11.78
C ASN A 192 8.40 4.64 -11.51
N ALA A 193 7.74 5.36 -12.40
CA ALA A 193 7.56 6.79 -12.17
C ALA A 193 6.84 7.04 -10.84
N GLY A 194 5.85 6.20 -10.54
CA GLY A 194 5.07 6.33 -9.32
C GLY A 194 5.88 6.12 -8.04
N LEU A 195 6.86 5.22 -8.09
CA LEU A 195 7.77 5.06 -6.95
C LEU A 195 8.74 6.25 -6.86
N LYS A 196 9.13 6.79 -8.00
CA LYS A 196 10.04 7.93 -7.99
C LYS A 196 9.32 9.16 -7.45
N ASP A 197 8.00 9.22 -7.69
CA ASP A 197 7.12 10.19 -7.04
C ASP A 197 7.24 10.08 -5.52
N GLN A 198 7.13 8.85 -5.00
CA GLN A 198 7.26 8.64 -3.55
C GLN A 198 8.63 9.09 -3.03
N VAL A 199 9.69 8.82 -3.77
CA VAL A 199 11.02 9.24 -3.35
C VAL A 199 11.07 10.76 -3.24
N MET A 200 10.52 11.46 -4.23
CA MET A 200 10.55 12.91 -4.20
C MET A 200 9.69 13.44 -3.04
N ALA A 201 8.60 12.74 -2.72
CA ALA A 201 7.78 13.14 -1.58
C ALA A 201 8.56 12.96 -0.27
N LEU A 202 9.29 11.86 -0.16
CA LEU A 202 10.08 11.60 1.03
C LEU A 202 11.16 12.66 1.21
N ARG A 203 11.81 13.06 0.11
CA ARG A 203 12.80 14.12 0.20
C ARG A 203 12.19 15.44 0.69
N TRP A 204 11.03 15.79 0.16
CA TRP A 204 10.30 16.98 0.60
C TRP A 204 10.02 16.92 2.10
N ILE A 205 9.50 15.77 2.53
CA ILE A 205 9.14 15.59 3.94
C ILE A 205 10.35 15.77 4.86
N LYS A 206 11.46 15.15 4.47
CA LYS A 206 12.69 15.26 5.23
C LYS A 206 13.11 16.73 5.38
N ASN A 207 12.99 17.47 4.28
CA ASN A 207 13.46 18.85 4.25
C ASN A 207 12.46 19.88 4.77
N ASN A 208 11.21 19.49 4.96
CA ASN A 208 10.22 20.48 5.33
C ASN A 208 9.40 20.18 6.60
N CYS A 209 9.49 18.96 7.12
CA CYS A 209 8.59 18.57 8.20
C CYS A 209 8.83 19.42 9.44
N ALA A 210 10.05 19.93 9.59
CA ALA A 210 10.40 20.78 10.74
C ALA A 210 9.51 22.03 10.82
N ASN A 211 9.11 22.56 9.66
CA ASN A 211 8.24 23.73 9.59
C ASN A 211 6.82 23.49 10.09
N PHE A 212 6.50 22.22 10.38
CA PHE A 212 5.16 21.88 10.85
C PHE A 212 5.26 21.27 12.23
N GLY A 213 6.44 21.37 12.83
CA GLY A 213 6.68 20.88 14.18
C GLY A 213 7.28 19.48 14.23
N GLY A 214 7.69 18.96 13.08
CA GLY A 214 8.16 17.59 13.00
C GLY A 214 9.64 17.46 13.25
N ASN A 215 10.05 16.30 13.77
CA ASN A 215 11.46 16.00 13.96
C ASN A 215 12.02 15.29 12.73
N PRO A 216 12.90 15.98 11.97
CA PRO A 216 13.38 15.37 10.72
C PRO A 216 14.34 14.22 10.95
N ASP A 217 14.69 13.99 12.21
CA ASP A 217 15.55 12.88 12.57
C ASP A 217 14.72 11.74 13.18
N ASN A 218 13.39 11.86 13.13
CA ASN A 218 12.52 10.79 13.64
C ASN A 218 11.27 10.58 12.77
N ILE A 219 11.50 10.05 11.57
CA ILE A 219 10.44 9.85 10.59
C ILE A 219 10.14 8.37 10.40
N THR A 220 8.86 8.05 10.36
CA THR A 220 8.37 6.69 10.16
C THR A 220 7.55 6.65 8.89
N VAL A 221 7.86 5.72 8.02
CA VAL A 221 7.04 5.51 6.84
C VAL A 221 6.24 4.22 7.05
N PHE A 222 4.95 4.27 6.73
CA PHE A 222 4.12 3.08 6.82
C PHE A 222 3.11 3.07 5.69
N GLY A 223 2.60 1.89 5.39
CA GLY A 223 1.66 1.73 4.30
C GLY A 223 1.00 0.39 4.38
N GLU A 224 -0.16 0.29 3.77
CA GLU A 224 -0.94 -0.95 3.72
C GLU A 224 -1.09 -1.40 2.27
N SER A 225 -1.00 -2.71 2.05
CA SER A 225 -1.14 -3.33 0.73
C SER A 225 -0.08 -2.80 -0.22
N ALA A 226 -0.48 -2.22 -1.36
CA ALA A 226 0.52 -1.60 -2.25
C ALA A 226 1.32 -0.51 -1.56
N GLY A 227 0.75 0.07 -0.51
CA GLY A 227 1.48 1.03 0.30
C GLY A 227 2.53 0.39 1.19
N ALA A 228 2.32 -0.88 1.55
CA ALA A 228 3.33 -1.64 2.30
C ALA A 228 4.47 -2.06 1.37
N ALA A 229 4.13 -2.56 0.19
CA ALA A 229 5.16 -2.82 -0.79
C ALA A 229 5.94 -1.52 -1.11
N SER A 230 5.23 -0.40 -1.22
CA SER A 230 5.87 0.89 -1.46
C SER A 230 6.82 1.27 -0.34
N THR A 231 6.36 1.17 0.91
CA THR A 231 7.23 1.43 2.03
C THR A 231 8.48 0.53 1.94
N HIS A 232 8.28 -0.74 1.60
CA HIS A 232 9.42 -1.63 1.53
C HIS A 232 10.37 -1.20 0.40
N TYR A 233 9.81 -0.81 -0.75
CA TYR A 233 10.65 -0.28 -1.84
C TYR A 233 11.42 0.96 -1.41
N MET A 234 10.82 1.80 -0.58
CA MET A 234 11.51 2.98 -0.08
C MET A 234 12.62 2.62 0.90
N MET A 235 12.53 1.43 1.50
CA MET A 235 13.60 0.92 2.38
C MET A 235 14.68 0.17 1.60
N LEU A 236 14.37 -0.23 0.35
CA LEU A 236 15.27 -1.05 -0.46
C LEU A 236 16.21 -0.20 -1.31
N THR A 237 15.65 0.86 -1.89
CA THR A 237 16.37 1.66 -2.86
C THR A 237 17.40 2.56 -2.20
N GLU A 238 18.55 2.71 -2.86
CA GLU A 238 19.59 3.58 -2.34
C GLU A 238 19.22 5.06 -2.51
N GLN A 239 18.15 5.33 -3.25
CA GLN A 239 17.70 6.71 -3.48
C GLN A 239 17.21 7.42 -2.21
N THR A 240 16.82 6.63 -1.22
CA THR A 240 16.17 7.16 -0.02
C THR A 240 17.01 6.96 1.24
N ARG A 241 18.23 6.45 1.08
CA ARG A 241 19.11 6.15 2.21
C ARG A 241 19.12 7.22 3.31
N GLY A 242 18.73 6.81 4.52
CA GLY A 242 18.68 7.72 5.67
C GLY A 242 17.60 8.78 5.67
N LEU A 243 16.66 8.77 4.72
CA LEU A 243 15.57 9.75 4.74
C LEU A 243 14.57 9.48 5.85
N PHE A 244 14.52 8.26 6.35
CA PHE A 244 13.62 7.96 7.47
C PHE A 244 14.18 6.86 8.37
N HIS A 245 13.51 6.62 9.50
CA HIS A 245 14.15 5.93 10.62
C HIS A 245 13.39 4.75 11.20
N ARG A 246 12.15 4.56 10.75
CA ARG A 246 11.39 3.34 11.07
C ARG A 246 10.53 2.97 9.88
N GLY A 247 10.21 1.69 9.70
CA GLY A 247 9.24 1.31 8.68
C GLY A 247 8.16 0.37 9.20
N ILE A 248 6.92 0.54 8.76
CA ILE A 248 5.88 -0.42 9.12
C ILE A 248 5.24 -0.97 7.85
N LEU A 249 5.35 -2.28 7.67
CA LEU A 249 4.78 -2.94 6.48
C LEU A 249 3.47 -3.64 6.82
N MET A 250 2.36 -3.04 6.39
CA MET A 250 1.02 -3.56 6.72
C MET A 250 0.45 -4.39 5.56
N SER A 251 0.49 -5.70 5.72
CA SER A 251 -0.03 -6.64 4.72
C SER A 251 0.60 -6.46 3.33
N GLY A 252 1.92 -6.50 3.24
CA GLY A 252 2.58 -6.38 1.95
C GLY A 252 4.06 -6.09 2.04
N ASN A 253 4.79 -6.44 0.99
CA ASN A 253 6.18 -6.09 0.89
C ASN A 253 6.55 -6.23 -0.59
N ALA A 254 7.81 -5.94 -0.92
CA ALA A 254 8.18 -5.79 -2.33
C ALA A 254 8.37 -7.13 -3.03
N ILE A 255 8.37 -8.23 -2.29
CA ILE A 255 8.57 -9.49 -3.00
C ILE A 255 7.28 -10.32 -3.05
N CYS A 256 6.17 -9.70 -2.61
CA CYS A 256 4.85 -10.23 -2.93
C CYS A 256 4.70 -10.35 -4.43
N PRO A 257 4.09 -11.45 -4.91
CA PRO A 257 4.07 -11.69 -6.35
C PRO A 257 3.31 -10.61 -7.11
N TRP A 258 2.41 -9.91 -6.42
CA TRP A 258 1.61 -8.85 -7.05
C TRP A 258 2.33 -7.50 -7.04
N ALA A 259 3.48 -7.43 -6.39
CA ALA A 259 4.14 -6.15 -6.08
C ALA A 259 5.13 -5.73 -7.15
N ASN A 260 5.37 -6.60 -8.13
CA ASN A 260 6.21 -6.22 -9.25
C ASN A 260 5.93 -7.09 -10.46
N THR A 261 6.28 -6.57 -11.62
CA THR A 261 6.02 -7.26 -12.89
C THR A 261 6.95 -6.71 -13.96
N GLN A 262 7.33 -7.55 -14.93
CA GLN A 262 8.10 -7.07 -16.07
C GLN A 262 7.08 -6.77 -17.17
N CYS A 263 6.76 -5.49 -17.34
CA CYS A 263 5.62 -5.04 -18.13
C CYS A 263 6.02 -4.29 -19.40
N GLN A 264 7.29 -4.41 -19.76
CA GLN A 264 7.81 -3.64 -20.89
C GLN A 264 7.10 -3.96 -22.21
N HIS A 265 6.63 -5.19 -22.35
CA HIS A 265 5.93 -5.59 -23.56
C HIS A 265 4.46 -5.17 -23.59
N ARG A 266 3.94 -4.71 -22.46
CA ARG A 266 2.52 -4.44 -22.37
C ARG A 266 2.15 -3.02 -22.81
N ALA A 267 3.14 -2.16 -23.03
CA ALA A 267 2.80 -0.81 -23.49
C ALA A 267 2.20 -0.88 -24.89
N PHE A 268 2.81 -1.69 -25.74
CA PHE A 268 2.29 -1.91 -27.10
C PHE A 268 0.85 -2.43 -27.06
N THR A 269 0.59 -3.42 -26.22
CA THR A 269 -0.77 -3.90 -26.02
C THR A 269 -1.72 -2.77 -25.61
N LEU A 270 -1.30 -1.92 -24.69
CA LEU A 270 -2.18 -0.85 -24.23
C LEU A 270 -2.49 0.10 -25.37
N ALA A 271 -1.44 0.42 -26.14
CA ALA A 271 -1.56 1.30 -27.30
C ALA A 271 -2.58 0.76 -28.29
N LYS A 272 -2.47 -0.54 -28.59
CA LYS A 272 -3.33 -1.19 -29.58
C LYS A 272 -4.77 -1.25 -29.11
N LEU A 273 -4.99 -1.43 -27.81
CA LEU A 273 -6.34 -1.34 -27.23
C LEU A 273 -6.96 0.04 -27.42
N ALA A 274 -6.12 1.07 -27.42
CA ALA A 274 -6.59 2.46 -27.49
C ALA A 274 -6.65 3.01 -28.92
N GLY A 275 -6.34 2.18 -29.91
CA GLY A 275 -6.48 2.58 -31.29
C GLY A 275 -5.20 2.92 -32.02
N TYR A 276 -4.06 2.56 -31.45
CA TYR A 276 -2.80 2.80 -32.11
C TYR A 276 -2.75 1.98 -33.41
N LYS A 277 -2.34 2.63 -34.49
CA LYS A 277 -2.13 1.98 -35.79
C LYS A 277 -0.68 2.12 -36.17
N GLY A 278 0.03 1.01 -36.30
CA GLY A 278 1.44 1.03 -36.62
C GLY A 278 2.13 -0.18 -36.01
N GLU A 279 3.46 -0.16 -35.95
CA GLU A 279 4.20 -1.36 -35.56
C GLU A 279 4.57 -1.42 -34.08
N ASP A 280 4.98 -2.59 -33.61
CA ASP A 280 5.49 -2.69 -32.24
C ASP A 280 6.88 -2.07 -32.16
N ASN A 281 6.89 -0.80 -31.81
CA ASN A 281 8.09 0.01 -31.80
C ASN A 281 8.00 0.98 -30.62
N ASP A 282 8.98 0.98 -29.73
CA ASP A 282 8.87 1.74 -28.48
C ASP A 282 8.62 3.22 -28.71
N LYS A 283 9.34 3.79 -29.68
CA LYS A 283 9.22 5.20 -29.98
C LYS A 283 7.83 5.54 -30.47
N ASP A 284 7.34 4.74 -31.42
CA ASP A 284 6.02 5.01 -31.99
C ASP A 284 4.93 4.77 -30.97
N VAL A 285 5.11 3.75 -30.14
CA VAL A 285 4.14 3.43 -29.11
C VAL A 285 4.09 4.55 -28.07
N LEU A 286 5.26 5.06 -27.69
CA LEU A 286 5.33 6.15 -26.69
C LEU A 286 4.64 7.41 -27.23
N GLU A 287 4.94 7.76 -28.47
CA GLU A 287 4.31 8.91 -29.11
C GLU A 287 2.78 8.83 -29.06
N PHE A 288 2.23 7.65 -29.37
CA PHE A 288 0.78 7.48 -29.29
C PHE A 288 0.28 7.63 -27.85
N LEU A 289 0.94 6.99 -26.90
CA LEU A 289 0.48 7.00 -25.52
C LEU A 289 0.59 8.39 -24.89
N MET A 290 1.53 9.19 -25.38
CA MET A 290 1.67 10.58 -24.91
C MET A 290 0.47 11.45 -25.28
N LYS A 291 -0.23 11.06 -26.34
CA LYS A 291 -1.29 11.90 -26.93
C LYS A 291 -2.66 11.48 -26.48
N ALA A 292 -2.76 10.24 -26.02
CA ALA A 292 -4.04 9.68 -25.63
C ALA A 292 -4.66 10.37 -24.43
N LYS A 293 -5.99 10.42 -24.39
CA LYS A 293 -6.71 10.92 -23.23
C LYS A 293 -6.36 10.05 -22.02
N PRO A 294 -5.97 10.69 -20.91
CA PRO A 294 -5.56 9.88 -19.76
C PRO A 294 -6.65 8.90 -19.32
N GLN A 295 -7.92 9.31 -19.36
CA GLN A 295 -9.00 8.45 -18.90
C GLN A 295 -9.22 7.25 -19.83
N ASP A 296 -8.82 7.38 -21.10
CA ASP A 296 -8.92 6.26 -22.04
C ASP A 296 -7.92 5.14 -21.70
N LEU A 297 -6.69 5.53 -21.44
CA LEU A 297 -5.66 4.56 -21.10
C LEU A 297 -5.99 3.83 -19.79
N ILE A 298 -6.38 4.57 -18.77
CA ILE A 298 -6.71 3.97 -17.49
C ILE A 298 -7.93 3.05 -17.55
N LYS A 299 -8.95 3.41 -18.33
CA LYS A 299 -10.11 2.53 -18.45
C LYS A 299 -9.78 1.25 -19.21
N LEU A 300 -8.87 1.33 -20.17
CA LEU A 300 -8.53 0.15 -20.97
C LEU A 300 -7.53 -0.74 -20.25
N GLU A 301 -7.03 -0.26 -19.11
CA GLU A 301 -5.95 -0.98 -18.44
C GLU A 301 -6.39 -2.38 -18.02
N GLU A 302 -7.67 -2.51 -17.66
CA GLU A 302 -8.20 -3.78 -17.19
C GLU A 302 -8.21 -4.88 -18.26
N LYS A 303 -7.98 -4.50 -19.51
CA LYS A 303 -7.99 -5.45 -20.63
C LYS A 303 -6.60 -5.81 -21.13
N VAL A 304 -5.56 -5.25 -20.52
CA VAL A 304 -4.21 -5.44 -21.07
C VAL A 304 -3.68 -6.86 -20.85
N LEU A 305 -3.87 -7.41 -19.65
CA LEU A 305 -3.36 -8.74 -19.33
C LEU A 305 -4.00 -9.82 -20.21
N THR A 306 -3.17 -10.72 -20.70
CA THR A 306 -3.66 -11.87 -21.47
C THR A 306 -4.28 -12.91 -20.53
N LEU A 307 -5.05 -13.83 -21.12
CA LEU A 307 -5.58 -14.95 -20.35
C LEU A 307 -4.45 -15.75 -19.72
N GLU A 308 -3.35 -15.90 -20.47
CA GLU A 308 -2.20 -16.64 -19.98
C GLU A 308 -1.60 -15.97 -18.74
N GLU A 309 -1.51 -14.64 -18.78
CA GLU A 309 -0.94 -13.89 -17.66
C GLU A 309 -1.84 -14.00 -16.44
N ARG A 310 -3.14 -13.91 -16.65
CA ARG A 310 -4.09 -13.99 -15.55
C ARG A 310 -4.06 -15.38 -14.89
N THR A 311 -3.97 -16.40 -15.74
CA THR A 311 -3.84 -17.77 -15.28
C THR A 311 -2.59 -17.94 -14.42
N ASN A 312 -1.50 -17.31 -14.85
CA ASN A 312 -0.24 -17.39 -14.13
C ASN A 312 -0.14 -16.37 -12.98
N LYS A 313 -1.30 -15.86 -12.58
CA LYS A 313 -1.46 -14.99 -11.42
C LYS A 313 -0.78 -13.63 -11.53
N VAL A 314 -0.60 -13.12 -12.76
CA VAL A 314 -0.19 -11.73 -12.89
C VAL A 314 -1.41 -10.90 -12.53
N MET A 315 -1.29 -10.06 -11.51
N MET A 315 -1.29 -10.05 -11.51
CA MET A 315 -2.47 -9.35 -11.00
CA MET A 315 -2.46 -9.36 -11.00
C MET A 315 -2.72 -8.05 -11.76
C MET A 315 -2.72 -8.04 -11.72
N PHE A 316 -1.67 -7.29 -12.00
CA PHE A 316 -1.81 -5.99 -12.64
C PHE A 316 -0.91 -5.88 -13.84
N PRO A 317 -1.39 -5.21 -14.89
CA PRO A 317 -0.58 -5.12 -16.11
C PRO A 317 0.58 -4.13 -15.97
N PHE A 318 0.42 -3.07 -15.19
CA PHE A 318 1.55 -2.16 -14.93
C PHE A 318 1.78 -1.99 -13.44
N GLY A 319 3.03 -2.08 -13.03
CA GLY A 319 3.36 -1.92 -11.62
C GLY A 319 4.84 -1.69 -11.51
N PRO A 320 5.37 -1.68 -10.27
CA PRO A 320 6.81 -1.62 -10.08
C PRO A 320 7.53 -2.67 -10.92
N THR A 321 8.68 -2.31 -11.50
CA THR A 321 9.38 -3.18 -12.43
C THR A 321 10.90 -3.06 -12.28
N VAL A 322 11.63 -4.12 -12.60
CA VAL A 322 13.07 -4.00 -12.70
C VAL A 322 13.34 -3.19 -13.97
N GLU A 323 13.92 -2.00 -13.79
CA GLU A 323 14.14 -1.06 -14.88
C GLU A 323 15.22 -1.59 -15.83
N PRO A 324 14.96 -1.51 -17.15
CA PRO A 324 15.79 -2.19 -18.15
C PRO A 324 17.15 -1.53 -18.35
N TYR A 325 17.28 -0.28 -17.95
CA TYR A 325 18.57 0.42 -17.96
C TYR A 325 18.57 1.43 -16.80
N GLN A 326 19.75 1.92 -16.44
CA GLN A 326 19.86 2.80 -15.28
C GLN A 326 19.94 4.28 -15.64
N THR A 327 18.96 5.03 -15.15
CA THR A 327 18.85 6.47 -15.32
C THR A 327 19.14 7.18 -14.02
N ALA A 328 19.19 8.50 -14.11
CA ALA A 328 19.44 9.37 -12.98
C ALA A 328 18.56 9.07 -11.74
N ASP A 329 17.29 8.78 -11.95
CA ASP A 329 16.42 8.63 -10.79
C ASP A 329 15.96 7.20 -10.56
N CYS A 330 16.71 6.24 -11.11
CA CYS A 330 16.42 4.82 -10.98
C CYS A 330 16.17 4.38 -9.52
N VAL A 331 15.08 3.65 -9.32
N VAL A 331 15.09 3.63 -9.31
CA VAL A 331 14.68 3.18 -8.00
CA VAL A 331 14.75 3.18 -7.96
C VAL A 331 14.95 1.69 -7.86
C VAL A 331 14.92 1.67 -7.83
N LEU A 332 14.62 0.93 -8.90
CA LEU A 332 14.79 -0.53 -8.90
C LEU A 332 15.68 -1.04 -10.03
N PRO A 333 17.00 -1.09 -9.79
CA PRO A 333 17.95 -1.61 -10.79
C PRO A 333 18.02 -3.14 -10.85
N LYS A 334 17.50 -3.81 -9.83
CA LYS A 334 17.53 -5.28 -9.75
C LYS A 334 16.20 -5.82 -9.21
N HIS A 335 16.00 -7.14 -9.30
CA HIS A 335 14.84 -7.73 -8.65
C HIS A 335 14.86 -7.37 -7.15
N PRO A 336 13.69 -7.18 -6.54
CA PRO A 336 13.67 -6.83 -5.11
C PRO A 336 14.44 -7.83 -4.23
N ARG A 337 14.37 -9.12 -4.52
CA ARG A 337 15.07 -10.11 -3.72
C ARG A 337 16.58 -9.83 -3.72
N GLU A 338 17.10 -9.40 -4.86
CA GLU A 338 18.49 -8.95 -4.97
C GLU A 338 18.75 -7.68 -4.20
N MET A 339 17.81 -6.73 -4.25
CA MET A 339 17.98 -5.48 -3.56
C MET A 339 17.96 -5.62 -2.03
N VAL A 340 17.29 -6.66 -1.51
CA VAL A 340 17.34 -6.93 -0.07
C VAL A 340 18.79 -7.17 0.42
N LYS A 341 19.64 -7.70 -0.46
CA LYS A 341 20.99 -8.08 -0.05
C LYS A 341 21.81 -6.90 0.47
N THR A 342 21.54 -5.72 -0.04
CA THR A 342 22.34 -4.56 0.35
C THR A 342 21.48 -3.39 0.84
N ALA A 343 20.23 -3.64 1.17
CA ALA A 343 19.29 -2.54 1.43
C ALA A 343 19.60 -1.80 2.73
N TRP A 344 19.68 -0.47 2.64
CA TRP A 344 19.93 0.34 3.82
C TRP A 344 18.82 0.16 4.85
N GLY A 345 17.60 -0.08 4.37
CA GLY A 345 16.44 -0.14 5.24
C GLY A 345 16.42 -1.39 6.10
N ASN A 346 17.31 -2.34 5.80
CA ASN A 346 17.43 -3.53 6.62
C ASN A 346 17.86 -3.19 8.03
N SER A 347 18.46 -2.02 8.19
CA SER A 347 19.09 -1.66 9.44
C SER A 347 18.37 -0.52 10.14
N ILE A 348 17.07 -0.40 9.88
CA ILE A 348 16.22 0.49 10.69
C ILE A 348 15.14 -0.35 11.34
N PRO A 349 14.67 0.06 12.53
CA PRO A 349 13.60 -0.69 13.22
C PRO A 349 12.39 -0.89 12.30
N THR A 350 11.86 -2.11 12.29
CA THR A 350 10.82 -2.47 11.33
C THR A 350 9.72 -3.24 12.01
N MET A 351 8.48 -2.95 11.64
CA MET A 351 7.35 -3.75 12.10
C MET A 351 6.61 -4.24 10.88
N MET A 352 6.17 -5.50 10.91
CA MET A 352 5.40 -6.07 9.81
C MET A 352 4.21 -6.82 10.37
N GLY A 353 3.16 -6.96 9.58
CA GLY A 353 2.03 -7.75 10.04
C GLY A 353 1.02 -7.98 8.95
N ASN A 354 0.05 -8.85 9.24
CA ASN A 354 -1.03 -9.18 8.34
C ASN A 354 -2.28 -9.37 9.18
N THR A 355 -3.44 -9.44 8.52
CA THR A 355 -4.67 -9.71 9.25
C THR A 355 -4.89 -11.21 9.38
N SER A 356 -5.87 -11.64 10.17
CA SER A 356 -6.05 -13.07 10.39
C SER A 356 -6.82 -13.84 9.30
N TYR A 357 -7.41 -13.15 8.34
CA TYR A 357 -8.01 -13.83 7.17
C TYR A 357 -7.87 -12.94 5.94
N GLU A 358 -6.62 -12.63 5.61
CA GLU A 358 -6.32 -11.77 4.47
C GLU A 358 -7.12 -12.08 3.22
N GLY A 359 -7.14 -13.36 2.88
CA GLY A 359 -7.73 -13.84 1.63
C GLY A 359 -9.22 -13.60 1.42
N LEU A 360 -9.94 -13.35 2.52
CA LEU A 360 -11.35 -12.99 2.45
C LEU A 360 -11.59 -11.83 1.47
N PHE A 361 -10.56 -11.03 1.25
CA PHE A 361 -10.58 -9.93 0.29
C PHE A 361 -10.99 -10.38 -1.13
N PHE A 362 -10.68 -11.62 -1.48
CA PHE A 362 -10.93 -12.06 -2.85
C PHE A 362 -12.33 -12.64 -3.04
N THR A 363 -13.18 -12.48 -2.03
CA THR A 363 -14.59 -12.82 -2.10
C THR A 363 -15.26 -12.31 -3.37
N SER A 364 -15.07 -11.03 -3.67
CA SER A 364 -15.71 -10.40 -4.81
C SER A 364 -15.22 -11.01 -6.14
N ILE A 365 -13.92 -11.24 -6.25
CA ILE A 365 -13.35 -11.91 -7.42
C ILE A 365 -13.91 -13.33 -7.61
N LEU A 366 -14.07 -14.06 -6.50
CA LEU A 366 -14.67 -15.40 -6.56
C LEU A 366 -16.11 -15.38 -7.04
N LYS A 367 -16.89 -14.43 -6.56
CA LYS A 367 -18.28 -14.35 -6.96
C LYS A 367 -18.38 -14.10 -8.46
N GLN A 368 -17.44 -13.34 -9.00
CA GLN A 368 -17.38 -13.11 -10.43
C GLN A 368 -17.00 -14.36 -11.22
N MET A 369 -15.93 -15.02 -10.78
CA MET A 369 -15.39 -16.19 -11.48
C MET A 369 -15.30 -17.39 -10.56
N PRO A 370 -16.43 -18.07 -10.33
CA PRO A 370 -16.53 -19.22 -9.42
C PRO A 370 -15.59 -20.35 -9.81
N LEU A 371 -15.29 -20.47 -11.10
CA LEU A 371 -14.44 -21.56 -11.60
C LEU A 371 -13.02 -21.49 -11.06
N LEU A 372 -12.68 -20.34 -10.46
CA LEU A 372 -11.40 -20.17 -9.80
C LEU A 372 -11.18 -21.21 -8.71
N VAL A 373 -12.25 -21.58 -8.03
CA VAL A 373 -12.13 -22.52 -6.93
C VAL A 373 -11.56 -23.85 -7.43
N LYS A 374 -11.85 -24.19 -8.68
CA LYS A 374 -11.34 -25.44 -9.24
C LYS A 374 -9.84 -25.39 -9.52
N GLU A 375 -9.23 -24.21 -9.44
CA GLU A 375 -7.78 -24.14 -9.51
C GLU A 375 -7.14 -24.93 -8.37
N LEU A 376 -7.90 -25.20 -7.32
CA LEU A 376 -7.35 -25.90 -6.17
C LEU A 376 -7.41 -27.42 -6.29
N GLU A 377 -8.04 -27.90 -7.36
CA GLU A 377 -7.95 -29.32 -7.70
C GLU A 377 -6.48 -29.80 -7.75
N THR A 378 -5.61 -29.03 -8.41
CA THR A 378 -4.19 -29.34 -8.44
C THR A 378 -3.32 -28.25 -7.82
N CYS A 379 -3.87 -27.04 -7.76
CA CYS A 379 -3.14 -25.87 -7.25
C CYS A 379 -1.96 -25.44 -8.11
N VAL A 380 -1.83 -25.97 -9.32
CA VAL A 380 -0.66 -25.69 -10.12
C VAL A 380 -0.50 -24.21 -10.42
N ASN A 381 -1.63 -23.50 -10.52
CA ASN A 381 -1.61 -22.08 -10.86
C ASN A 381 -1.07 -21.19 -9.76
N PHE A 382 -1.05 -21.71 -8.53
CA PHE A 382 -0.53 -20.93 -7.41
C PHE A 382 0.89 -21.28 -7.03
N VAL A 383 1.50 -22.20 -7.76
CA VAL A 383 2.94 -22.46 -7.59
C VAL A 383 3.68 -21.16 -7.97
N PRO A 384 4.58 -20.68 -7.10
CA PRO A 384 5.37 -19.48 -7.43
C PRO A 384 5.88 -19.52 -8.88
N SER A 385 5.68 -18.43 -9.61
CA SER A 385 5.91 -18.46 -11.06
C SER A 385 7.34 -18.81 -11.43
N GLU A 386 8.32 -18.42 -10.61
CA GLU A 386 9.70 -18.73 -10.92
C GLU A 386 9.95 -20.23 -10.92
N LEU A 387 9.13 -20.99 -10.17
CA LEU A 387 9.26 -22.45 -10.07
C LEU A 387 8.44 -23.22 -11.11
N ALA A 388 7.38 -22.60 -11.60
CA ALA A 388 6.43 -23.31 -12.45
C ALA A 388 6.82 -23.24 -13.91
N ASP A 389 6.32 -24.20 -14.68
CA ASP A 389 6.45 -24.14 -16.13
C ASP A 389 5.26 -23.37 -16.69
N ALA A 390 5.41 -22.86 -17.91
CA ALA A 390 4.47 -21.91 -18.46
C ALA A 390 3.06 -22.47 -18.65
N GLU A 391 2.96 -23.75 -18.99
CA GLU A 391 1.66 -24.38 -19.20
C GLU A 391 1.13 -24.97 -17.90
N ARG A 392 1.99 -24.97 -16.89
CA ARG A 392 1.76 -25.58 -15.59
C ARG A 392 1.26 -27.02 -15.71
N THR A 393 1.87 -27.75 -16.64
CA THR A 393 1.56 -29.15 -16.90
C THR A 393 2.73 -30.06 -16.55
N ALA A 394 3.88 -29.49 -16.23
CA ALA A 394 5.05 -30.30 -15.86
C ALA A 394 4.79 -31.14 -14.61
N PRO A 395 5.32 -32.37 -14.59
CA PRO A 395 5.11 -33.23 -13.41
C PRO A 395 5.66 -32.60 -12.12
N GLU A 396 6.75 -31.85 -12.21
CA GLU A 396 7.31 -31.19 -11.05
C GLU A 396 6.35 -30.10 -10.56
N THR A 397 5.71 -29.41 -11.50
CA THR A 397 4.73 -28.39 -11.14
C THR A 397 3.52 -29.00 -10.45
N LEU A 398 3.13 -30.18 -10.93
CA LEU A 398 2.04 -30.92 -10.31
C LEU A 398 2.41 -31.31 -8.88
N GLU A 399 3.66 -31.70 -8.68
CA GLU A 399 4.14 -32.08 -7.35
C GLU A 399 4.18 -30.91 -6.39
N MET A 400 4.64 -29.78 -6.89
CA MET A 400 4.72 -28.58 -6.09
C MET A 400 3.32 -28.12 -5.73
N GLY A 401 2.41 -28.22 -6.69
CA GLY A 401 1.03 -27.84 -6.47
C GLY A 401 0.39 -28.70 -5.39
N ALA A 402 0.77 -29.97 -5.36
CA ALA A 402 0.22 -30.91 -4.38
C ALA A 402 0.62 -30.53 -2.95
N LYS A 403 1.78 -29.91 -2.78
CA LYS A 403 2.19 -29.42 -1.46
C LYS A 403 1.27 -28.28 -1.00
N ILE A 404 0.96 -27.34 -1.90
CA ILE A 404 0.02 -26.27 -1.58
C ILE A 404 -1.36 -26.82 -1.26
N LYS A 405 -1.82 -27.74 -2.10
CA LYS A 405 -3.15 -28.33 -1.97
C LYS A 405 -3.34 -28.91 -0.57
N LYS A 406 -2.33 -29.62 -0.09
CA LYS A 406 -2.35 -30.22 1.26
C LYS A 406 -2.42 -29.20 2.38
N ALA A 407 -1.92 -28.00 2.13
CA ALA A 407 -1.92 -26.94 3.12
C ALA A 407 -3.30 -26.31 3.28
N HIS A 408 -4.10 -26.30 2.22
CA HIS A 408 -5.33 -25.51 2.23
C HIS A 408 -6.64 -26.21 1.86
N VAL A 409 -6.58 -27.37 1.19
CA VAL A 409 -7.84 -28.02 0.83
C VAL A 409 -8.21 -28.94 1.99
N THR A 410 -9.37 -28.71 2.59
CA THR A 410 -9.74 -29.44 3.79
C THR A 410 -10.66 -30.65 3.51
N GLY A 411 -11.37 -30.62 2.38
CA GLY A 411 -12.25 -31.72 2.01
C GLY A 411 -11.79 -32.48 0.77
N GLU A 412 -12.68 -33.28 0.18
CA GLU A 412 -12.33 -34.03 -1.02
C GLU A 412 -12.35 -33.09 -2.21
N THR A 413 -13.08 -31.99 -2.05
CA THR A 413 -13.24 -30.99 -3.09
C THR A 413 -12.96 -29.62 -2.50
N PRO A 414 -12.22 -28.77 -3.24
CA PRO A 414 -11.93 -27.44 -2.69
C PRO A 414 -13.16 -26.54 -2.58
N THR A 415 -13.14 -25.66 -1.60
CA THR A 415 -14.24 -24.73 -1.37
C THR A 415 -13.76 -23.31 -1.59
N ALA A 416 -14.68 -22.34 -1.55
CA ALA A 416 -14.29 -20.95 -1.69
C ALA A 416 -13.43 -20.49 -0.51
N ASP A 417 -13.75 -20.97 0.69
CA ASP A 417 -12.95 -20.68 1.87
C ASP A 417 -11.55 -21.23 1.74
N ASN A 418 -11.42 -22.41 1.15
CA ASN A 418 -10.09 -22.98 0.92
C ASN A 418 -9.30 -22.08 -0.01
N PHE A 419 -9.98 -21.60 -1.04
CA PHE A 419 -9.37 -20.73 -2.01
C PHE A 419 -8.87 -19.46 -1.33
N MET A 420 -9.70 -18.88 -0.46
CA MET A 420 -9.33 -17.62 0.17
C MET A 420 -8.26 -17.79 1.24
N ASP A 421 -8.26 -18.93 1.92
CA ASP A 421 -7.17 -19.22 2.83
C ASP A 421 -5.85 -19.37 2.07
N LEU A 422 -5.89 -20.04 0.92
CA LEU A 422 -4.71 -20.16 0.07
C LEU A 422 -4.19 -18.77 -0.32
N CYS A 423 -5.11 -17.88 -0.72
CA CYS A 423 -4.76 -16.52 -1.14
C CYS A 423 -4.05 -15.75 -0.02
N SER A 424 -4.45 -16.01 1.22
CA SER A 424 -3.78 -15.37 2.36
C SER A 424 -2.27 -15.64 2.31
N HIS A 425 -1.90 -16.85 1.94
CA HIS A 425 -0.50 -17.24 1.98
C HIS A 425 0.24 -16.89 0.69
N PHE A 426 -0.40 -17.09 -0.46
CA PHE A 426 0.21 -16.77 -1.73
C PHE A 426 0.56 -15.30 -1.84
N TYR A 427 -0.41 -14.47 -1.43
CA TYR A 427 -0.28 -13.04 -1.61
C TYR A 427 0.39 -12.31 -0.45
N PHE A 428 0.36 -12.86 0.76
CA PHE A 428 0.85 -12.12 1.92
C PHE A 428 1.79 -12.88 2.86
N TRP A 429 1.35 -14.01 3.40
CA TRP A 429 2.17 -14.66 4.45
C TRP A 429 3.46 -15.26 3.91
N PHE A 430 3.39 -15.98 2.80
CA PHE A 430 4.59 -16.61 2.26
C PHE A 430 5.65 -15.57 1.83
N PRO A 431 5.26 -14.51 1.10
CA PRO A 431 6.21 -13.44 0.78
C PRO A 431 6.84 -12.81 2.02
N MET A 432 6.05 -12.67 3.09
CA MET A 432 6.58 -12.13 4.34
C MET A 432 7.68 -13.04 4.88
N HIS A 433 7.42 -14.35 4.86
CA HIS A 433 8.40 -15.34 5.29
C HIS A 433 9.70 -15.27 4.51
N ARG A 434 9.57 -15.21 3.18
CA ARG A 434 10.74 -15.17 2.31
C ARG A 434 11.56 -13.92 2.59
N LEU A 435 10.87 -12.78 2.75
CA LEU A 435 11.54 -11.54 3.11
C LEU A 435 12.29 -11.61 4.45
N LEU A 436 11.62 -12.09 5.50
CA LEU A 436 12.26 -12.20 6.81
C LEU A 436 13.55 -13.03 6.72
N GLN A 437 13.44 -14.18 6.07
CA GLN A 437 14.58 -15.08 5.97
C GLN A 437 15.69 -14.48 5.11
N LEU A 438 15.31 -13.87 3.99
CA LEU A 438 16.31 -13.22 3.14
C LEU A 438 17.05 -12.09 3.87
N ARG A 439 16.29 -11.26 4.57
CA ARG A 439 16.85 -10.11 5.27
C ARG A 439 17.76 -10.54 6.41
N PHE A 440 17.42 -11.65 7.06
CA PHE A 440 18.24 -12.14 8.16
C PHE A 440 19.67 -12.49 7.75
N ASN A 441 19.93 -12.54 6.45
CA ASN A 441 21.31 -12.73 5.99
C ASN A 441 22.06 -11.43 5.74
N HIS A 442 21.35 -10.29 5.80
CA HIS A 442 21.92 -9.01 5.44
C HIS A 442 21.46 -7.85 6.33
N THR A 443 21.44 -8.06 7.64
CA THR A 443 20.99 -7.01 8.54
C THR A 443 22.04 -6.69 9.60
N SER A 444 22.16 -5.41 9.92
CA SER A 444 23.04 -4.98 11.01
C SER A 444 22.60 -5.66 12.32
N GLY A 445 21.31 -5.99 12.40
CA GLY A 445 20.78 -6.67 13.55
C GLY A 445 19.60 -5.95 14.18
N THR A 446 19.12 -4.90 13.53
CA THR A 446 18.00 -4.15 14.05
C THR A 446 16.75 -5.03 14.06
N PRO A 447 15.86 -4.80 15.05
CA PRO A 447 14.72 -5.70 15.30
C PRO A 447 13.61 -5.64 14.25
N VAL A 448 12.98 -6.77 13.95
CA VAL A 448 11.68 -6.79 13.30
C VAL A 448 10.59 -7.31 14.24
N TYR A 449 9.56 -6.50 14.46
CA TYR A 449 8.41 -6.89 15.26
C TYR A 449 7.25 -7.33 14.36
N LEU A 450 6.56 -8.42 14.73
CA LEU A 450 5.39 -8.87 13.96
C LEU A 450 4.08 -8.68 14.72
N TYR A 451 3.06 -8.19 14.02
CA TYR A 451 1.71 -8.21 14.57
C TYR A 451 0.77 -9.07 13.70
N ARG A 452 -0.33 -9.50 14.29
CA ARG A 452 -1.40 -10.17 13.57
C ARG A 452 -2.68 -9.47 13.93
N PHE A 453 -3.30 -8.80 12.96
CA PHE A 453 -4.51 -8.06 13.25
C PHE A 453 -5.73 -8.97 13.14
N ASP A 454 -6.35 -9.19 14.30
CA ASP A 454 -7.36 -10.23 14.49
C ASP A 454 -8.61 -9.64 15.18
N PHE A 455 -8.86 -8.35 14.97
CA PHE A 455 -10.03 -7.73 15.57
C PHE A 455 -11.16 -7.64 14.56
N ASP A 456 -12.27 -8.32 14.86
CA ASP A 456 -13.36 -8.46 13.91
C ASP A 456 -14.59 -7.68 14.36
N SER A 457 -15.01 -6.72 13.56
CA SER A 457 -16.23 -5.98 13.84
C SER A 457 -16.92 -5.54 12.57
N GLU A 458 -18.24 -5.58 12.58
CA GLU A 458 -19.02 -5.05 11.48
C GLU A 458 -19.72 -3.76 11.89
N ASP A 459 -19.46 -3.29 13.11
CA ASP A 459 -20.12 -2.07 13.63
C ASP A 459 -19.47 -0.78 13.14
N LEU A 460 -18.24 -0.89 12.69
CA LEU A 460 -17.49 0.23 12.15
C LEU A 460 -16.72 -0.34 10.97
N ILE A 461 -16.86 0.27 9.80
CA ILE A 461 -16.26 -0.27 8.56
C ILE A 461 -15.60 0.80 7.68
N ASN A 462 -15.01 0.37 6.57
CA ASN A 462 -14.44 1.32 5.62
C ASN A 462 -14.89 0.92 4.21
N PRO A 463 -14.76 1.82 3.23
CA PRO A 463 -15.34 1.53 1.91
C PRO A 463 -14.83 0.28 1.19
N TYR A 464 -13.64 -0.24 1.52
CA TYR A 464 -13.18 -1.47 0.87
C TYR A 464 -14.11 -2.64 1.19
N ARG A 465 -14.82 -2.57 2.31
CA ARG A 465 -15.70 -3.67 2.67
C ARG A 465 -16.85 -3.79 1.65
N ILE A 466 -17.22 -2.65 1.08
CA ILE A 466 -18.19 -2.62 -0.02
C ILE A 466 -17.65 -3.35 -1.24
N MET A 467 -16.49 -2.88 -1.73
CA MET A 467 -15.80 -3.46 -2.87
C MET A 467 -15.59 -4.97 -2.76
N ARG A 468 -15.17 -5.41 -1.58
CA ARG A 468 -14.95 -6.84 -1.35
C ARG A 468 -16.26 -7.55 -1.03
N SER A 469 -17.37 -6.81 -1.05
CA SER A 469 -18.68 -7.32 -0.67
C SER A 469 -18.60 -8.08 0.64
N GLY A 470 -17.97 -7.47 1.64
CA GLY A 470 -17.73 -8.11 2.91
C GLY A 470 -18.74 -7.78 4.00
N ARG A 471 -19.83 -7.11 3.64
CA ARG A 471 -20.90 -6.87 4.61
C ARG A 471 -21.72 -8.15 4.74
N GLY A 472 -21.65 -8.78 5.92
CA GLY A 472 -22.28 -10.07 6.14
C GLY A 472 -21.29 -11.22 6.19
N VAL A 473 -20.06 -10.94 5.78
CA VAL A 473 -19.00 -11.93 5.81
C VAL A 473 -18.19 -11.75 7.10
N LYS A 474 -17.77 -12.83 7.73
CA LYS A 474 -17.02 -12.69 8.98
C LYS A 474 -15.60 -13.23 8.90
N GLY A 475 -14.70 -12.56 9.61
CA GLY A 475 -13.27 -12.81 9.50
C GLY A 475 -12.60 -11.47 9.24
N VAL A 476 -11.30 -11.40 9.47
CA VAL A 476 -10.58 -10.12 9.34
C VAL A 476 -9.82 -10.08 8.02
N SER A 477 -10.46 -9.48 7.04
CA SER A 477 -9.95 -9.40 5.68
C SER A 477 -8.81 -8.37 5.51
N HIS A 478 -8.03 -8.53 4.45
CA HIS A 478 -7.21 -7.46 3.90
C HIS A 478 -7.97 -6.14 3.97
N THR A 479 -7.34 -5.11 4.52
CA THR A 479 -7.85 -3.72 4.62
C THR A 479 -8.81 -3.47 5.79
N ASP A 480 -9.22 -4.51 6.51
CA ASP A 480 -10.16 -4.28 7.61
C ASP A 480 -9.53 -3.49 8.74
N GLU A 481 -8.22 -3.56 8.86
CA GLU A 481 -7.56 -2.80 9.92
C GLU A 481 -7.53 -1.28 9.67
N LEU A 482 -7.69 -0.86 8.42
CA LEU A 482 -7.60 0.58 8.09
C LEU A 482 -8.62 1.38 8.90
N THR A 483 -9.75 0.74 9.18
CA THR A 483 -10.84 1.31 9.96
C THR A 483 -10.42 1.84 11.34
N TYR A 484 -9.33 1.30 11.87
CA TYR A 484 -8.92 1.62 13.23
C TYR A 484 -7.72 2.55 13.24
N PHE A 485 -7.31 2.99 12.05
CA PHE A 485 -6.24 3.95 11.86
C PHE A 485 -6.69 5.29 11.30
N PHE A 486 -7.63 5.22 10.36
CA PHE A 486 -8.08 6.39 9.59
C PHE A 486 -9.60 6.56 9.65
N TRP A 487 -10.04 7.82 9.66
CA TRP A 487 -11.44 8.15 9.48
C TRP A 487 -11.78 7.94 8.01
N ASN A 488 -13.01 7.52 7.73
CA ASN A 488 -13.54 7.48 6.38
C ASN A 488 -15.01 7.90 6.37
N GLN A 489 -15.55 8.18 5.20
CA GLN A 489 -16.89 8.74 5.10
C GLN A 489 -18.00 7.78 5.54
N LEU A 490 -17.67 6.52 5.76
CA LEU A 490 -18.66 5.57 6.26
C LEU A 490 -18.58 5.39 7.77
N ALA A 491 -17.59 6.03 8.41
CA ALA A 491 -17.40 5.84 9.84
C ALA A 491 -18.40 6.65 10.65
N LYS A 492 -18.44 6.38 11.95
CA LYS A 492 -19.30 7.10 12.87
C LYS A 492 -18.62 7.23 14.21
N ARG A 493 -19.07 8.18 15.03
CA ARG A 493 -18.56 8.29 16.39
C ARG A 493 -19.01 7.07 17.18
N MET A 494 -18.04 6.37 17.76
CA MET A 494 -18.31 5.19 18.57
C MET A 494 -18.22 5.54 20.05
N PRO A 495 -18.99 4.82 20.89
CA PRO A 495 -18.90 4.98 22.36
C PRO A 495 -17.48 4.75 22.85
N LYS A 496 -17.03 5.56 23.81
CA LYS A 496 -15.68 5.45 24.33
C LYS A 496 -15.41 4.08 24.91
N GLU A 497 -16.46 3.38 25.33
CA GLU A 497 -16.30 2.06 25.94
C GLU A 497 -16.38 0.91 24.93
N SER A 498 -16.73 1.20 23.68
CA SER A 498 -16.89 0.16 22.68
C SER A 498 -15.55 -0.51 22.33
N ARG A 499 -15.63 -1.76 21.92
CA ARG A 499 -14.44 -2.50 21.52
C ARG A 499 -13.77 -1.82 20.31
N GLU A 500 -14.59 -1.24 19.44
CA GLU A 500 -14.09 -0.52 18.28
C GLU A 500 -13.28 0.70 18.68
N TYR A 501 -13.84 1.52 19.57
CA TYR A 501 -13.11 2.69 20.01
C TYR A 501 -11.81 2.29 20.71
N LYS A 502 -11.87 1.26 21.54
CA LYS A 502 -10.66 0.84 22.25
C LYS A 502 -9.59 0.35 21.27
N THR A 503 -10.02 -0.23 20.17
CA THR A 503 -9.10 -0.72 19.13
C THR A 503 -8.46 0.46 18.40
N ILE A 504 -9.22 1.50 18.13
CA ILE A 504 -8.64 2.72 17.58
C ILE A 504 -7.52 3.21 18.47
N GLU A 505 -7.77 3.24 19.78
CA GLU A 505 -6.78 3.77 20.70
C GLU A 505 -5.55 2.90 20.75
N ARG A 506 -5.75 1.59 20.70
CA ARG A 506 -4.63 0.66 20.72
C ARG A 506 -3.80 0.76 19.45
N MET A 507 -4.44 0.83 18.29
CA MET A 507 -3.69 0.82 17.04
C MET A 507 -2.92 2.12 16.81
N THR A 508 -3.58 3.27 16.95
CA THR A 508 -2.87 4.54 16.84
C THR A 508 -1.82 4.66 17.94
N GLY A 509 -2.10 4.05 19.10
CA GLY A 509 -1.17 4.06 20.20
C GLY A 509 0.12 3.28 19.94
N ILE A 510 -0.02 2.03 19.50
CA ILE A 510 1.12 1.18 19.18
C ILE A 510 1.90 1.76 18.01
N TRP A 511 1.19 2.27 17.00
CA TRP A 511 1.92 2.83 15.84
C TRP A 511 2.70 4.10 16.25
N THR A 512 2.11 4.90 17.12
CA THR A 512 2.75 6.13 17.58
C THR A 512 3.94 5.80 18.49
N GLN A 513 3.80 4.77 19.32
CA GLN A 513 4.88 4.34 20.18
C GLN A 513 6.07 3.83 19.37
N PHE A 514 5.77 3.04 18.34
CA PHE A 514 6.82 2.49 17.49
C PHE A 514 7.50 3.61 16.67
N ALA A 515 6.69 4.53 16.15
CA ALA A 515 7.24 5.68 15.44
C ALA A 515 8.19 6.47 16.32
N THR A 516 7.82 6.67 17.58
CA THR A 516 8.65 7.42 18.50
C THR A 516 9.97 6.70 18.83
N THR A 517 9.87 5.45 19.29
CA THR A 517 11.00 4.78 19.93
C THR A 517 11.62 3.62 19.15
N GLY A 518 10.95 3.14 18.11
CA GLY A 518 11.46 2.00 17.38
C GLY A 518 11.12 0.69 18.08
N ASN A 519 10.28 0.79 19.11
CA ASN A 519 9.80 -0.34 19.92
C ASN A 519 8.29 -0.16 20.12
N PRO A 520 7.49 -1.13 19.70
CA PRO A 520 6.04 -0.87 19.72
C PRO A 520 5.37 -1.04 21.09
N TYR A 521 6.13 -1.48 22.09
CA TYR A 521 5.52 -1.77 23.40
C TYR A 521 5.41 -0.55 24.28
N SER A 522 4.25 -0.42 24.93
CA SER A 522 4.10 0.56 26.01
C SER A 522 3.05 0.06 27.01
N ASN A 523 3.36 0.17 28.29
CA ASN A 523 2.38 -0.19 29.31
C ASN A 523 1.34 0.91 29.53
N GLU A 524 1.42 1.98 28.73
CA GLU A 524 0.44 3.04 28.75
C GLU A 524 -0.69 2.73 27.77
N ILE A 525 -0.55 1.63 27.05
CA ILE A 525 -1.59 1.14 26.17
C ILE A 525 -2.41 0.05 26.87
N GLU A 526 -3.70 0.30 27.01
CA GLU A 526 -4.60 -0.64 27.67
C GLU A 526 -4.63 -2.00 26.97
N GLY A 527 -4.44 -3.06 27.73
CA GLY A 527 -4.38 -4.39 27.18
C GLY A 527 -2.96 -4.91 27.05
N MET A 528 -2.00 -3.99 27.04
CA MET A 528 -0.61 -4.36 26.83
C MET A 528 0.14 -4.65 28.12
N GLU A 529 -0.54 -4.50 29.25
CA GLU A 529 0.02 -4.70 30.59
C GLU A 529 0.85 -5.98 30.76
N ASN A 530 0.54 -7.03 29.98
CA ASN A 530 1.29 -8.29 30.05
C ASN A 530 1.96 -8.70 28.75
N VAL A 531 1.97 -7.82 27.76
CA VAL A 531 2.58 -8.15 26.49
C VAL A 531 4.11 -8.11 26.62
N SER A 532 4.76 -9.21 26.31
CA SER A 532 6.20 -9.17 26.11
C SER A 532 6.45 -9.35 24.63
N TRP A 533 6.44 -8.23 23.92
CA TRP A 533 6.54 -8.23 22.46
C TRP A 533 7.97 -8.20 22.01
N ASP A 534 8.48 -9.36 21.64
CA ASP A 534 9.87 -9.44 21.23
C ASP A 534 9.98 -9.57 19.73
N PRO A 535 11.01 -8.96 19.16
CA PRO A 535 11.22 -9.06 17.72
C PRO A 535 11.68 -10.47 17.30
N ILE A 536 11.61 -10.74 16.01
CA ILE A 536 12.03 -12.01 15.44
C ILE A 536 13.55 -12.10 15.31
N GLU A 537 14.10 -13.28 15.60
CA GLU A 537 15.53 -13.53 15.45
C GLU A 537 15.82 -14.54 14.33
N LYS A 538 17.03 -14.47 13.78
CA LYS A 538 17.46 -15.40 12.73
C LYS A 538 17.31 -16.84 13.20
N SER A 539 17.59 -17.07 14.47
CA SER A 539 17.57 -18.42 15.03
C SER A 539 16.16 -18.91 15.36
N ASP A 540 15.15 -18.08 15.10
CA ASP A 540 13.78 -18.47 15.39
C ASP A 540 13.22 -19.43 14.32
N GLU A 541 12.73 -20.58 14.75
CA GLU A 541 12.11 -21.51 13.83
C GLU A 541 10.62 -21.26 13.74
N VAL A 542 10.10 -20.59 14.77
CA VAL A 542 8.70 -20.21 14.84
C VAL A 542 8.61 -18.71 15.12
N TYR A 543 7.85 -17.99 14.30
CA TYR A 543 7.65 -16.55 14.50
C TYR A 543 6.69 -16.25 15.64
N LYS A 544 7.05 -15.30 16.52
CA LYS A 544 6.10 -14.81 17.51
C LYS A 544 5.50 -13.52 16.99
N CYS A 545 4.23 -13.28 17.29
CA CYS A 545 3.58 -12.02 16.89
C CYS A 545 2.69 -11.50 18.00
N LEU A 546 2.44 -10.20 18.02
CA LEU A 546 1.36 -9.71 18.86
C LEU A 546 0.03 -9.89 18.14
N ASN A 547 -0.83 -10.74 18.69
CA ASN A 547 -2.16 -10.95 18.13
C ASN A 547 -3.12 -9.94 18.71
N ILE A 548 -3.70 -9.13 17.82
CA ILE A 548 -4.53 -8.01 18.23
C ILE A 548 -5.99 -8.37 18.03
N SER A 549 -6.67 -8.69 19.12
CA SER A 549 -8.09 -8.97 19.03
C SER A 549 -8.78 -8.15 20.10
N ASP A 550 -9.82 -8.70 20.73
CA ASP A 550 -10.40 -7.99 21.86
C ASP A 550 -9.37 -7.95 22.98
N GLU A 551 -8.59 -9.03 23.07
CA GLU A 551 -7.40 -9.08 23.93
C GLU A 551 -6.15 -8.93 23.11
N LEU A 552 -5.09 -8.37 23.70
CA LEU A 552 -3.78 -8.35 23.08
C LEU A 552 -2.95 -9.49 23.65
N LYS A 553 -2.52 -10.43 22.82
CA LYS A 553 -1.78 -11.60 23.30
C LYS A 553 -0.62 -11.97 22.39
N MET A 554 0.54 -12.24 22.98
CA MET A 554 1.67 -12.77 22.22
C MET A 554 1.46 -14.26 21.93
N ILE A 555 1.51 -14.62 20.66
CA ILE A 555 1.30 -16.00 20.26
C ILE A 555 2.30 -16.38 19.17
N ASP A 556 2.46 -17.67 18.94
CA ASP A 556 3.19 -18.09 17.77
C ASP A 556 2.24 -17.89 16.61
N VAL A 557 2.77 -17.43 15.49
CA VAL A 557 1.98 -17.22 14.28
C VAL A 557 1.24 -18.51 13.88
N PRO A 558 -0.12 -18.49 13.95
CA PRO A 558 -0.88 -19.71 13.60
C PRO A 558 -0.63 -20.15 12.17
N GLU A 559 -0.23 -19.21 11.31
CA GLU A 559 0.01 -19.50 9.90
C GLU A 559 1.34 -20.22 9.65
N MET A 560 2.13 -20.43 10.70
CA MET A 560 3.50 -20.91 10.51
C MET A 560 3.56 -22.28 9.83
N GLY A 561 2.64 -23.17 10.20
CA GLY A 561 2.62 -24.51 9.64
C GLY A 561 2.47 -24.50 8.14
N LYS A 562 1.49 -23.72 7.67
CA LYS A 562 1.23 -23.58 6.25
C LYS A 562 2.40 -22.87 5.55
N ILE A 563 2.97 -21.87 6.22
CA ILE A 563 4.18 -21.21 5.72
C ILE A 563 5.33 -22.20 5.44
N LYS A 564 5.57 -23.15 6.35
CA LYS A 564 6.62 -24.15 6.10
C LYS A 564 6.23 -25.06 4.94
N GLN A 565 4.93 -25.32 4.80
CA GLN A 565 4.45 -26.16 3.71
C GLN A 565 4.73 -25.50 2.34
N TRP A 566 4.48 -24.19 2.25
CA TRP A 566 4.85 -23.44 1.04
C TRP A 566 6.35 -23.48 0.81
N GLU A 567 7.12 -23.25 1.86
CA GLU A 567 8.57 -23.26 1.77
C GLU A 567 9.06 -24.58 1.19
N SER A 568 8.34 -25.67 1.46
CA SER A 568 8.83 -27.00 1.06
C SER A 568 8.87 -27.19 -0.46
N MET A 569 8.15 -26.33 -1.18
CA MET A 569 8.21 -26.34 -2.64
C MET A 569 9.62 -25.99 -3.13
N PHE A 570 10.42 -25.36 -2.27
CA PHE A 570 11.76 -24.94 -2.67
C PHE A 570 12.87 -25.91 -2.18
N GLU A 571 12.45 -27.08 -1.70
CA GLU A 571 13.39 -28.11 -1.25
C GLU A 571 14.45 -28.43 -2.32
N LYS A 572 14.02 -28.56 -3.57
CA LYS A 572 14.94 -28.88 -4.66
C LYS A 572 15.43 -27.65 -5.41
N HIS A 573 15.05 -26.47 -4.95
CA HIS A 573 15.46 -25.22 -5.59
C HIS A 573 15.75 -24.16 -4.55
N ARG A 574 16.65 -24.47 -3.61
CA ARG A 574 16.80 -23.61 -2.44
C ARG A 574 17.39 -22.25 -2.78
N ASP A 575 18.17 -22.19 -3.86
CA ASP A 575 18.72 -20.92 -4.32
C ASP A 575 17.64 -19.89 -4.73
N LEU A 576 16.44 -20.37 -5.05
CA LEU A 576 15.39 -19.47 -5.54
C LEU A 576 14.48 -19.00 -4.41
N PHE A 577 14.68 -19.54 -3.21
CA PHE A 577 13.79 -19.21 -2.09
C PHE A 577 13.97 -17.78 -1.61
#